data_1F3F
#
_entry.id   1F3F
#
_cell.length_a   70.018
_cell.length_b   70.018
_cell.length_c   152.098
_cell.angle_alpha   90.00
_cell.angle_beta   90.00
_cell.angle_gamma   120.00
#
_symmetry.space_group_name_H-M   'P 31 2 1'
#
loop_
_entity.id
_entity.type
_entity.pdbx_description
1 polymer 'PROTEIN (NUCLEOSIDE DIPHOSPHATE KINASE)'
2 non-polymer 'MAGNESIUM ION'
3 non-polymer "2',3'-DEHYDRO-2',3'-DEOXY-THYMIDINE 5'-TRIPHOSPHATE"
4 non-polymer 'PHOSPHATE ION'
5 non-polymer "2',3'-DEHYDRO-2',3'-DEOXY-THYMIDINE 5'-DIPHOSPHATE"
6 water water
#
_entity_poly.entity_id   1
_entity_poly.type   'polypeptide(L)'
_entity_poly.pdbx_seq_one_letter_code
;MSTNKVNKERTFLAVKPDGVARGLVGEIIARYEKKGFVLVGLKQLVPTKDLAESHYAEHKERPFFGGLVSFITSGPVVAM
VFEGKGVVASARLMIGVTNPLASAPGSIRGDFGVDVGRNIIGGSDSVESANREIALWFKPEELLTEVKPNPNLYE
;
_entity_poly.pdbx_strand_id   A,B,C
#
# COMPACT_ATOMS: atom_id res chain seq x y z
N VAL A 6 -20.60 2.35 17.49
CA VAL A 6 -21.42 2.46 16.26
C VAL A 6 -20.60 3.15 15.16
N ASN A 7 -21.28 3.45 14.06
CA ASN A 7 -20.67 4.11 12.91
C ASN A 7 -20.44 5.60 13.15
N LYS A 8 -20.71 6.07 14.37
CA LYS A 8 -20.54 7.48 14.72
C LYS A 8 -19.20 7.73 15.42
N GLU A 9 -18.39 6.68 15.63
CA GLU A 9 -17.09 6.85 16.29
C GLU A 9 -16.28 7.94 15.54
N ARG A 10 -15.47 8.71 16.27
CA ARG A 10 -14.69 9.76 15.63
C ARG A 10 -13.27 9.70 16.17
N THR A 11 -12.33 10.21 15.38
CA THR A 11 -10.95 10.23 15.79
C THR A 11 -10.39 11.56 15.37
N PHE A 12 -9.32 11.98 16.03
CA PHE A 12 -8.68 13.24 15.70
C PHE A 12 -7.37 12.92 14.99
N LEU A 13 -7.15 13.56 13.85
CA LEU A 13 -5.94 13.37 13.07
C LEU A 13 -5.35 14.73 12.82
N ALA A 14 -4.03 14.82 12.81
CA ALA A 14 -3.38 16.09 12.54
C ALA A 14 -2.18 15.90 11.61
N VAL A 15 -2.17 16.62 10.49
CA VAL A 15 -1.03 16.63 9.59
C VAL A 15 -0.10 17.64 10.28
N LYS A 16 1.03 17.15 10.75
CA LYS A 16 2.00 17.96 11.46
C LYS A 16 2.69 18.92 10.51
N PRO A 17 3.44 19.86 11.07
CA PRO A 17 4.13 20.83 10.22
C PRO A 17 4.99 20.27 9.10
N ASP A 18 5.62 19.11 9.32
CA ASP A 18 6.44 18.50 8.29
C ASP A 18 5.54 17.98 7.16
N GLY A 19 4.42 17.37 7.54
CA GLY A 19 3.48 16.87 6.54
C GLY A 19 2.93 18.01 5.72
N VAL A 20 2.63 19.13 6.38
CA VAL A 20 2.12 20.28 5.68
C VAL A 20 3.21 20.88 4.78
N ALA A 21 4.40 21.10 5.34
CA ALA A 21 5.48 21.69 4.53
C ALA A 21 5.77 20.83 3.31
N ARG A 22 5.63 19.52 3.47
CA ARG A 22 5.92 18.61 2.38
C ARG A 22 4.82 18.41 1.34
N GLY A 23 3.72 19.13 1.52
CA GLY A 23 2.61 19.03 0.58
C GLY A 23 1.90 17.71 0.61
N LEU A 24 1.69 17.17 1.80
CA LEU A 24 1.05 15.87 1.93
C LEU A 24 -0.38 15.97 2.45
N VAL A 25 -0.89 17.18 2.61
CA VAL A 25 -2.23 17.33 3.16
C VAL A 25 -3.32 16.63 2.34
N GLY A 26 -3.36 16.95 1.05
CA GLY A 26 -4.40 16.35 0.20
C GLY A 26 -4.31 14.84 0.14
N GLU A 27 -3.10 14.35 -0.03
CA GLU A 27 -2.85 12.92 -0.11
C GLU A 27 -3.43 12.23 1.14
N ILE A 28 -3.15 12.80 2.30
CA ILE A 28 -3.63 12.20 3.54
C ILE A 28 -5.15 12.26 3.63
N ILE A 29 -5.73 13.42 3.34
CA ILE A 29 -7.17 13.55 3.44
C ILE A 29 -7.82 12.57 2.45
N ALA A 30 -7.28 12.50 1.24
CA ALA A 30 -7.81 11.58 0.22
C ALA A 30 -7.80 10.14 0.72
N ARG A 31 -6.75 9.74 1.44
CA ARG A 31 -6.72 8.36 1.92
C ARG A 31 -7.91 8.06 2.83
N TYR A 32 -8.23 8.99 3.71
CA TYR A 32 -9.32 8.76 4.61
C TYR A 32 -10.69 8.89 3.92
N GLU A 33 -10.76 9.73 2.90
CA GLU A 33 -12.01 9.88 2.15
C GLU A 33 -12.26 8.60 1.39
N LYS A 34 -11.22 8.09 0.73
CA LYS A 34 -11.34 6.86 -0.07
C LYS A 34 -11.75 5.67 0.77
N LYS A 35 -11.36 5.70 2.04
CA LYS A 35 -11.63 4.63 2.98
C LYS A 35 -13.09 4.59 3.35
N GLY A 36 -13.73 5.74 3.27
CA GLY A 36 -15.15 5.79 3.58
C GLY A 36 -15.45 6.60 4.83
N PHE A 37 -14.41 7.09 5.49
CA PHE A 37 -14.62 7.89 6.69
C PHE A 37 -15.04 9.28 6.25
N VAL A 38 -15.91 9.90 7.05
CA VAL A 38 -16.43 11.21 6.72
C VAL A 38 -15.74 12.29 7.53
N LEU A 39 -15.33 13.34 6.82
CA LEU A 39 -14.64 14.48 7.42
C LEU A 39 -15.69 15.33 8.17
N VAL A 40 -15.62 15.33 9.50
CA VAL A 40 -16.60 16.11 10.28
C VAL A 40 -16.04 17.40 10.85
N GLY A 41 -14.73 17.57 10.70
CA GLY A 41 -14.09 18.80 11.13
C GLY A 41 -12.76 18.96 10.41
N LEU A 42 -12.43 20.19 10.04
CA LEU A 42 -11.21 20.48 9.31
C LEU A 42 -10.78 21.92 9.47
N LYS A 43 -9.50 22.14 9.75
CA LYS A 43 -8.99 23.51 9.86
C LYS A 43 -7.47 23.53 9.87
N GLN A 44 -6.89 24.62 9.41
CA GLN A 44 -5.44 24.73 9.47
C GLN A 44 -5.15 25.82 10.48
N LEU A 45 -4.18 25.57 11.35
CA LEU A 45 -3.83 26.57 12.34
C LEU A 45 -2.42 26.29 12.82
N VAL A 46 -1.78 27.30 13.40
CA VAL A 46 -0.45 27.11 13.97
C VAL A 46 -0.71 26.88 15.46
N PRO A 47 -0.45 25.68 15.96
CA PRO A 47 -0.69 25.39 17.37
C PRO A 47 0.03 26.31 18.36
N THR A 48 -0.61 26.56 19.49
CA THR A 48 0.01 27.37 20.54
C THR A 48 0.74 26.41 21.45
N LYS A 49 1.66 26.93 22.25
CA LYS A 49 2.38 26.08 23.18
C LYS A 49 1.39 25.34 24.05
N ASP A 50 0.35 26.05 24.53
CA ASP A 50 -0.69 25.48 25.40
C ASP A 50 -1.43 24.33 24.74
N LEU A 51 -1.88 24.56 23.52
CA LEU A 51 -2.58 23.51 22.80
C LEU A 51 -1.66 22.31 22.66
N ALA A 52 -0.46 22.56 22.15
CA ALA A 52 0.51 21.49 21.94
C ALA A 52 0.81 20.69 23.20
N GLU A 53 1.00 21.39 24.33
CA GLU A 53 1.34 20.71 25.57
C GLU A 53 0.16 19.93 26.11
N SER A 54 -1.05 20.42 25.86
CA SER A 54 -2.25 19.73 26.30
C SER A 54 -2.46 18.51 25.40
N HIS A 55 -2.25 18.68 24.10
CA HIS A 55 -2.46 17.59 23.16
C HIS A 55 -1.55 16.42 23.53
N TYR A 56 -0.31 16.74 23.86
CA TYR A 56 0.67 15.72 24.20
C TYR A 56 0.95 15.61 25.69
N ALA A 57 -0.03 15.99 26.49
CA ALA A 57 0.15 15.97 27.93
C ALA A 57 0.63 14.65 28.47
N GLU A 58 0.17 13.53 27.90
CA GLU A 58 0.61 12.22 28.37
C GLU A 58 2.13 12.03 28.28
N HIS A 59 2.77 12.82 27.44
CA HIS A 59 4.21 12.67 27.26
C HIS A 59 5.01 13.78 27.94
N LYS A 60 4.38 14.58 28.80
CA LYS A 60 5.10 15.70 29.40
C LYS A 60 6.40 15.37 30.13
N GLU A 61 6.55 14.14 30.60
CA GLU A 61 7.77 13.75 31.30
C GLU A 61 8.72 12.99 30.40
N ARG A 62 8.32 12.76 29.15
CA ARG A 62 9.16 12.05 28.20
C ARG A 62 10.25 13.00 27.72
N PRO A 63 11.44 12.48 27.44
CA PRO A 63 12.55 13.34 26.99
C PRO A 63 12.29 14.11 25.70
N PHE A 64 11.59 13.47 24.78
CA PHE A 64 11.28 14.10 23.51
C PHE A 64 10.20 15.19 23.57
N PHE A 65 9.54 15.37 24.72
CA PHE A 65 8.45 16.35 24.82
C PHE A 65 8.79 17.79 24.41
N GLY A 66 9.91 18.31 24.89
CA GLY A 66 10.24 19.69 24.54
C GLY A 66 10.42 19.93 23.05
N GLY A 67 11.17 19.04 22.40
CA GLY A 67 11.41 19.17 20.97
C GLY A 67 10.11 18.95 20.20
N LEU A 68 9.26 18.08 20.71
CA LEU A 68 7.98 17.78 20.07
C LEU A 68 7.10 19.03 20.13
N VAL A 69 6.98 19.62 21.32
CA VAL A 69 6.16 20.82 21.45
C VAL A 69 6.70 21.95 20.59
N SER A 70 8.01 22.08 20.56
CA SER A 70 8.64 23.11 19.77
C SER A 70 8.33 22.87 18.30
N PHE A 71 8.47 21.63 17.87
CA PHE A 71 8.21 21.36 16.47
C PHE A 71 6.74 21.51 16.08
N ILE A 72 5.84 20.92 16.87
CA ILE A 72 4.43 21.04 16.53
C ILE A 72 3.95 22.48 16.49
N THR A 73 4.62 23.39 17.20
CA THR A 73 4.20 24.79 17.20
C THR A 73 5.02 25.61 16.20
N SER A 74 5.93 24.98 15.48
CA SER A 74 6.80 25.69 14.57
C SER A 74 6.19 26.09 13.25
N GLY A 75 5.00 25.56 12.97
CA GLY A 75 4.37 25.91 11.69
C GLY A 75 2.94 25.44 11.64
N PRO A 76 2.24 25.61 10.51
CA PRO A 76 0.84 25.17 10.46
C PRO A 76 0.63 23.68 10.54
N VAL A 77 -0.51 23.32 11.10
CA VAL A 77 -0.96 21.95 11.27
C VAL A 77 -2.35 21.93 10.64
N VAL A 78 -2.70 20.82 10.00
CA VAL A 78 -4.05 20.70 9.47
C VAL A 78 -4.71 19.69 10.37
N ALA A 79 -5.66 20.17 11.15
CA ALA A 79 -6.36 19.37 12.13
C ALA A 79 -7.64 18.86 11.52
N MET A 80 -7.98 17.62 11.81
CA MET A 80 -9.21 17.08 11.26
C MET A 80 -9.84 16.03 12.15
N VAL A 81 -11.13 15.84 11.95
CA VAL A 81 -11.85 14.84 12.67
C VAL A 81 -12.60 14.04 11.63
N PHE A 82 -12.45 12.73 11.74
CA PHE A 82 -13.08 11.79 10.83
C PHE A 82 -14.00 10.89 11.59
N GLU A 83 -15.13 10.57 10.97
CA GLU A 83 -16.16 9.74 11.58
C GLU A 83 -16.49 8.47 10.78
N GLY A 84 -16.66 7.36 11.52
CA GLY A 84 -16.99 6.08 10.93
C GLY A 84 -16.73 4.93 11.88
N LYS A 85 -17.31 3.78 11.55
CA LYS A 85 -17.12 2.57 12.32
C LYS A 85 -15.64 2.27 12.50
N GLY A 86 -15.24 2.07 13.76
CA GLY A 86 -13.88 1.74 14.10
C GLY A 86 -12.83 2.72 13.56
N VAL A 87 -13.23 3.96 13.37
CA VAL A 87 -12.31 4.94 12.78
C VAL A 87 -11.01 5.14 13.55
N VAL A 88 -11.07 5.11 14.88
CA VAL A 88 -9.87 5.34 15.67
C VAL A 88 -8.78 4.29 15.43
N ALA A 89 -9.12 3.02 15.57
CA ALA A 89 -8.13 1.96 15.32
C ALA A 89 -7.76 1.90 13.83
N SER A 90 -8.75 2.10 12.97
CA SER A 90 -8.48 2.04 11.53
C SER A 90 -7.53 3.18 11.13
N ALA A 91 -7.76 4.38 11.64
CA ALA A 91 -6.91 5.51 11.28
C ALA A 91 -5.47 5.23 11.70
N ARG A 92 -5.30 4.59 12.84
CA ARG A 92 -3.98 4.27 13.33
C ARG A 92 -3.32 3.27 12.40
N LEU A 93 -4.08 2.26 11.98
CA LEU A 93 -3.54 1.26 11.05
C LEU A 93 -3.07 1.96 9.77
N MET A 94 -3.88 2.92 9.30
CA MET A 94 -3.57 3.66 8.08
C MET A 94 -2.35 4.58 8.22
N ILE A 95 -2.07 4.99 9.45
CA ILE A 95 -0.95 5.87 9.74
C ILE A 95 0.34 5.07 9.83
N GLY A 96 0.28 3.90 10.46
CA GLY A 96 1.45 3.05 10.61
C GLY A 96 1.80 2.86 12.07
N VAL A 97 3.07 3.03 12.42
CA VAL A 97 3.51 2.92 13.83
C VAL A 97 4.31 4.17 14.12
N THR A 98 4.65 4.42 15.38
CA THR A 98 5.40 5.63 15.67
C THR A 98 6.66 5.90 14.82
N ASN A 99 7.48 4.88 14.63
CA ASN A 99 8.70 5.01 13.82
C ASN A 99 8.35 4.79 12.34
N PRO A 100 8.46 5.83 11.52
CA PRO A 100 8.14 5.64 10.09
C PRO A 100 8.95 4.57 9.40
N LEU A 101 10.19 4.35 9.85
CA LEU A 101 11.01 3.34 9.19
C LEU A 101 10.47 1.92 9.40
N ALA A 102 9.71 1.74 10.46
CA ALA A 102 9.13 0.45 10.81
C ALA A 102 7.69 0.32 10.31
N SER A 103 7.17 1.42 9.75
CA SER A 103 5.80 1.44 9.25
C SER A 103 5.75 0.77 7.88
N ALA A 104 4.71 -0.05 7.68
CA ALA A 104 4.55 -0.83 6.46
C ALA A 104 4.25 -0.01 5.22
N PRO A 105 4.74 -0.47 4.05
CA PRO A 105 4.47 0.25 2.81
C PRO A 105 2.94 0.25 2.75
N GLY A 106 2.36 1.35 2.26
CA GLY A 106 0.92 1.42 2.21
C GLY A 106 0.34 2.30 3.32
N SER A 107 1.05 2.40 4.45
CA SER A 107 0.60 3.28 5.55
C SER A 107 1.19 4.65 5.26
N ILE A 108 0.63 5.69 5.86
CA ILE A 108 1.12 7.04 5.62
C ILE A 108 2.58 7.24 6.04
N ARG A 109 2.92 6.88 7.28
CA ARG A 109 4.32 7.04 7.70
C ARG A 109 5.19 6.08 6.92
N GLY A 110 4.65 4.92 6.61
CA GLY A 110 5.43 3.94 5.86
C GLY A 110 5.77 4.45 4.46
N ASP A 111 4.83 5.14 3.82
CA ASP A 111 5.10 5.61 2.48
C ASP A 111 5.87 6.91 2.44
N PHE A 112 5.75 7.72 3.50
CA PHE A 112 6.36 9.04 3.43
C PHE A 112 7.39 9.49 4.44
N GLY A 113 7.64 8.71 5.50
CA GLY A 113 8.56 9.25 6.49
C GLY A 113 9.76 8.40 6.84
N VAL A 114 10.74 9.02 7.47
CA VAL A 114 11.94 8.31 7.89
C VAL A 114 12.37 8.64 9.33
N ASP A 115 11.84 9.72 9.91
CA ASP A 115 12.29 10.11 11.26
C ASP A 115 11.11 10.13 12.25
N VAL A 116 11.32 9.63 13.46
CA VAL A 116 10.26 9.62 14.46
C VAL A 116 9.77 11.00 14.77
N GLY A 117 10.69 11.97 14.79
CA GLY A 117 10.33 13.35 15.09
C GLY A 117 9.71 14.08 13.93
N ARG A 118 9.70 13.43 12.76
CA ARG A 118 9.13 14.05 11.58
C ARG A 118 8.25 12.96 10.99
N ASN A 119 7.25 12.53 11.76
CA ASN A 119 6.41 11.44 11.30
C ASN A 119 5.10 11.79 10.70
N ILE A 120 5.06 12.99 10.15
CA ILE A 120 3.98 13.46 9.30
C ILE A 120 2.57 13.75 9.76
N ILE A 121 2.04 12.81 10.53
CA ILE A 121 0.67 12.89 10.97
C ILE A 121 0.59 12.32 12.37
N GLY A 122 -0.42 12.74 13.10
CA GLY A 122 -0.64 12.22 14.44
C GLY A 122 -2.10 11.83 14.48
N GLY A 123 -2.43 10.75 15.19
CA GLY A 123 -3.83 10.34 15.28
C GLY A 123 -4.13 9.81 16.67
N SER A 124 -5.38 9.94 17.13
CA SER A 124 -5.77 9.45 18.45
C SER A 124 -5.51 7.94 18.56
N ASP A 125 -5.09 7.50 19.75
CA ASP A 125 -4.78 6.09 19.95
C ASP A 125 -5.91 5.30 20.60
N SER A 126 -6.98 5.98 21.00
CA SER A 126 -8.13 5.29 21.59
C SER A 126 -9.33 6.21 21.53
N VAL A 127 -10.52 5.66 21.74
CA VAL A 127 -11.73 6.48 21.72
C VAL A 127 -11.64 7.55 22.82
N GLU A 128 -11.07 7.19 23.97
CA GLU A 128 -10.92 8.14 25.07
C GLU A 128 -10.04 9.29 24.65
N SER A 129 -8.88 8.95 24.10
CA SER A 129 -7.95 9.98 23.66
C SER A 129 -8.60 10.77 22.55
N ALA A 130 -9.28 10.09 21.64
CA ALA A 130 -9.96 10.81 20.55
C ALA A 130 -10.96 11.83 21.11
N ASN A 131 -11.83 11.42 22.04
CA ASN A 131 -12.78 12.39 22.60
C ASN A 131 -12.07 13.61 23.20
N ARG A 132 -11.00 13.36 23.93
CA ARG A 132 -10.23 14.44 24.53
C ARG A 132 -9.57 15.32 23.49
N GLU A 133 -8.93 14.70 22.50
CA GLU A 133 -8.28 15.46 21.46
C GLU A 133 -9.25 16.27 20.60
N ILE A 134 -10.37 15.67 20.20
CA ILE A 134 -11.32 16.44 19.40
C ILE A 134 -11.74 17.69 20.18
N ALA A 135 -12.06 17.51 21.44
CA ALA A 135 -12.49 18.61 22.28
C ALA A 135 -11.44 19.70 22.40
N LEU A 136 -10.17 19.33 22.45
CA LEU A 136 -9.09 20.31 22.54
C LEU A 136 -8.95 21.19 21.33
N TRP A 137 -9.00 20.55 20.15
CA TRP A 137 -8.79 21.26 18.90
C TRP A 137 -10.00 21.85 18.20
N PHE A 138 -11.18 21.31 18.48
CA PHE A 138 -12.39 21.78 17.82
C PHE A 138 -13.54 22.19 18.74
N LYS A 139 -14.14 23.33 18.44
CA LYS A 139 -15.32 23.80 19.16
C LYS A 139 -16.48 22.97 18.61
N PRO A 140 -17.54 22.78 19.40
CA PRO A 140 -18.66 22.00 18.88
C PRO A 140 -19.19 22.52 17.57
N GLU A 141 -19.19 23.84 17.40
CA GLU A 141 -19.78 24.41 16.20
C GLU A 141 -18.97 24.17 14.93
N GLU A 142 -17.77 23.63 15.08
CA GLU A 142 -16.92 23.38 13.92
C GLU A 142 -17.05 21.94 13.44
N LEU A 143 -17.80 21.14 14.19
CA LEU A 143 -18.00 19.75 13.85
C LEU A 143 -19.39 19.52 13.26
N LEU A 144 -19.46 18.78 12.17
CA LEU A 144 -20.74 18.52 11.54
C LEU A 144 -21.58 17.73 12.52
N THR A 145 -22.88 17.90 12.40
CA THR A 145 -23.81 17.16 13.25
C THR A 145 -24.61 16.27 12.31
N GLU A 146 -24.77 16.74 11.09
CA GLU A 146 -25.53 16.00 10.11
C GLU A 146 -24.61 15.09 9.31
N VAL A 147 -24.67 13.80 9.61
CA VAL A 147 -23.87 12.80 8.89
C VAL A 147 -24.74 11.58 8.52
N LYS A 148 -25.34 11.65 7.34
CA LYS A 148 -26.20 10.58 6.77
C LYS A 148 -25.18 9.52 6.32
N PRO A 149 -25.24 8.31 6.91
CA PRO A 149 -24.29 7.27 6.53
C PRO A 149 -24.47 6.85 5.09
N ASN A 150 -23.35 6.62 4.42
CA ASN A 150 -23.38 6.21 3.03
C ASN A 150 -23.92 4.79 2.90
N PRO A 151 -25.03 4.62 2.15
CA PRO A 151 -25.62 3.29 1.97
C PRO A 151 -24.64 2.34 1.28
N ASN A 152 -23.67 2.92 0.56
CA ASN A 152 -22.64 2.16 -0.15
C ASN A 152 -21.53 1.69 0.78
N LEU A 153 -21.37 2.37 1.91
CA LEU A 153 -20.29 2.01 2.85
C LEU A 153 -20.76 1.20 4.05
N TYR A 154 -22.03 1.38 4.41
CA TYR A 154 -22.62 0.70 5.55
C TYR A 154 -23.86 -0.11 5.25
N GLU A 155 -23.87 -1.33 5.77
CA GLU A 155 -24.97 -2.24 5.62
C GLU A 155 -26.08 -1.60 6.44
N VAL B 6 23.08 6.87 11.41
CA VAL B 6 23.26 8.24 10.85
C VAL B 6 22.30 8.40 9.68
N ASN B 7 21.98 9.65 9.40
CA ASN B 7 21.10 9.99 8.30
C ASN B 7 21.79 9.87 6.94
N LYS B 8 23.06 9.47 6.93
CA LYS B 8 23.77 9.31 5.68
C LYS B 8 23.98 7.87 5.22
N GLU B 9 23.25 6.93 5.82
CA GLU B 9 23.34 5.53 5.41
C GLU B 9 22.95 5.47 3.92
N ARG B 10 23.51 4.53 3.19
CA ARG B 10 23.18 4.40 1.76
C ARG B 10 22.88 2.97 1.40
N THR B 11 22.08 2.79 0.36
CA THR B 11 21.79 1.44 -0.10
C THR B 11 21.81 1.40 -1.61
N PHE B 12 22.08 0.22 -2.16
CA PHE B 12 22.13 0.06 -3.60
C PHE B 12 20.87 -0.64 -4.06
N LEU B 13 20.19 -0.05 -5.05
CA LEU B 13 18.95 -0.62 -5.59
C LEU B 13 19.09 -0.72 -7.10
N ALA B 14 18.60 -1.80 -7.67
CA ALA B 14 18.66 -1.94 -9.13
C ALA B 14 17.31 -2.30 -9.68
N VAL B 15 16.84 -1.53 -10.67
CA VAL B 15 15.59 -1.91 -11.29
C VAL B 15 16.11 -2.93 -12.31
N LYS B 16 15.72 -4.18 -12.11
CA LYS B 16 16.21 -5.27 -12.95
C LYS B 16 15.65 -5.18 -14.38
N PRO B 17 16.20 -5.97 -15.31
CA PRO B 17 15.72 -5.89 -16.68
C PRO B 17 14.21 -5.99 -16.85
N ASP B 18 13.56 -6.79 -16.01
CA ASP B 18 12.10 -6.90 -16.12
C ASP B 18 11.42 -5.61 -15.67
N GLY B 19 11.89 -5.02 -14.57
CA GLY B 19 11.29 -3.76 -14.12
C GLY B 19 11.47 -2.67 -15.17
N VAL B 20 12.63 -2.62 -15.83
CA VAL B 20 12.89 -1.60 -16.84
C VAL B 20 12.00 -1.85 -18.07
N ALA B 21 11.95 -3.10 -18.51
CA ALA B 21 11.15 -3.42 -19.71
C ALA B 21 9.67 -3.15 -19.47
N ARG B 22 9.25 -3.32 -18.24
CA ARG B 22 7.84 -3.10 -17.91
C ARG B 22 7.46 -1.66 -17.61
N GLY B 23 8.44 -0.77 -17.72
CA GLY B 23 8.22 0.65 -17.53
C GLY B 23 7.88 0.98 -16.10
N LEU B 24 8.66 0.43 -15.17
CA LEU B 24 8.42 0.68 -13.75
C LEU B 24 9.51 1.51 -13.11
N VAL B 25 10.48 1.98 -13.90
CA VAL B 25 11.57 2.77 -13.35
C VAL B 25 11.08 4.02 -12.58
N GLY B 26 10.25 4.83 -13.23
CA GLY B 26 9.77 6.04 -12.57
C GLY B 26 8.95 5.77 -11.33
N GLU B 27 8.04 4.80 -11.43
CA GLU B 27 7.21 4.43 -10.30
C GLU B 27 8.08 4.05 -9.10
N ILE B 28 9.13 3.29 -9.34
CA ILE B 28 9.99 2.86 -8.26
C ILE B 28 10.76 4.03 -7.69
N ILE B 29 11.40 4.81 -8.55
CA ILE B 29 12.14 5.96 -8.04
C ILE B 29 11.23 6.86 -7.22
N ALA B 30 10.02 7.07 -7.72
CA ALA B 30 9.07 7.94 -7.03
C ALA B 30 8.76 7.43 -5.63
N ARG B 31 8.67 6.12 -5.46
CA ARG B 31 8.37 5.62 -4.12
C ARG B 31 9.48 5.99 -3.15
N TYR B 32 10.74 5.87 -3.59
CA TYR B 32 11.85 6.22 -2.70
C TYR B 32 11.97 7.73 -2.50
N GLU B 33 11.72 8.50 -3.54
CA GLU B 33 11.73 9.96 -3.36
C GLU B 33 10.65 10.37 -2.38
N LYS B 34 9.44 9.84 -2.55
CA LYS B 34 8.33 10.22 -1.68
C LYS B 34 8.58 9.85 -0.23
N LYS B 35 9.28 8.74 -0.02
CA LYS B 35 9.61 8.25 1.32
C LYS B 35 10.55 9.22 2.04
N GLY B 36 11.32 9.99 1.26
CA GLY B 36 12.24 10.94 1.85
C GLY B 36 13.70 10.59 1.66
N PHE B 37 13.97 9.55 0.90
CA PHE B 37 15.33 9.15 0.63
C PHE B 37 15.88 9.97 -0.53
N VAL B 38 17.18 10.21 -0.49
CA VAL B 38 17.82 11.03 -1.48
C VAL B 38 18.63 10.25 -2.50
N LEU B 39 18.37 10.53 -3.77
CA LEU B 39 19.10 9.88 -4.84
C LEU B 39 20.52 10.44 -4.87
N VAL B 40 21.51 9.60 -4.61
CA VAL B 40 22.89 10.05 -4.64
C VAL B 40 23.66 9.44 -5.80
N GLY B 41 23.01 8.54 -6.52
CA GLY B 41 23.63 7.90 -7.67
C GLY B 41 22.55 7.32 -8.57
N LEU B 42 22.72 7.48 -9.88
CA LEU B 42 21.74 6.94 -10.81
C LEU B 42 22.29 6.75 -12.23
N LYS B 43 21.99 5.60 -12.82
CA LYS B 43 22.42 5.38 -14.18
C LYS B 43 21.79 4.15 -14.78
N GLN B 44 21.65 4.13 -16.09
CA GLN B 44 21.13 2.94 -16.72
C GLN B 44 22.31 2.30 -17.44
N LEU B 45 22.43 0.98 -17.36
CA LEU B 45 23.52 0.30 -18.05
C LEU B 45 23.08 -1.13 -18.32
N VAL B 46 23.83 -1.84 -19.17
CA VAL B 46 23.51 -3.24 -19.39
C VAL B 46 24.65 -3.91 -18.61
N PRO B 47 24.34 -4.61 -17.51
CA PRO B 47 25.37 -5.27 -16.69
C PRO B 47 26.22 -6.29 -17.44
N THR B 48 27.52 -6.32 -17.12
CA THR B 48 28.41 -7.29 -17.73
C THR B 48 28.26 -8.55 -16.89
N LYS B 49 28.78 -9.65 -17.40
CA LYS B 49 28.72 -10.92 -16.70
C LYS B 49 29.49 -10.83 -15.38
N ASP B 50 30.63 -10.15 -15.40
CA ASP B 50 31.46 -9.99 -14.21
C ASP B 50 30.80 -9.19 -13.12
N LEU B 51 30.09 -8.14 -13.53
CA LEU B 51 29.40 -7.29 -12.58
C LEU B 51 28.31 -8.08 -11.93
N ALA B 52 27.48 -8.70 -12.75
CA ALA B 52 26.39 -9.49 -12.24
C ALA B 52 26.92 -10.51 -11.26
N GLU B 53 27.99 -11.20 -11.66
CA GLU B 53 28.57 -12.23 -10.81
C GLU B 53 29.16 -11.73 -9.51
N SER B 54 29.78 -10.55 -9.51
CA SER B 54 30.31 -10.06 -8.23
C SER B 54 29.11 -9.56 -7.39
N HIS B 55 28.11 -8.98 -8.03
CA HIS B 55 26.95 -8.48 -7.32
C HIS B 55 26.25 -9.62 -6.56
N TYR B 56 26.10 -10.76 -7.24
CA TYR B 56 25.42 -11.90 -6.65
C TYR B 56 26.38 -12.96 -6.20
N ALA B 57 27.59 -12.53 -5.88
CA ALA B 57 28.67 -13.40 -5.45
C ALA B 57 28.25 -14.34 -4.33
N GLU B 58 27.40 -13.87 -3.43
CA GLU B 58 26.97 -14.69 -2.32
C GLU B 58 26.16 -15.90 -2.77
N HIS B 59 25.66 -15.86 -3.99
CA HIS B 59 24.86 -16.97 -4.50
C HIS B 59 25.60 -17.80 -5.56
N LYS B 60 26.88 -17.52 -5.78
CA LYS B 60 27.60 -18.22 -6.85
C LYS B 60 27.54 -19.75 -6.81
N GLU B 61 27.30 -20.31 -5.64
CA GLU B 61 27.23 -21.76 -5.48
C GLU B 61 25.79 -22.30 -5.59
N ARG B 62 24.82 -21.40 -5.53
CA ARG B 62 23.41 -21.77 -5.61
C ARG B 62 22.96 -22.14 -7.03
N PRO B 63 22.00 -23.07 -7.16
CA PRO B 63 21.49 -23.51 -8.46
C PRO B 63 20.92 -22.44 -9.40
N PHE B 64 20.18 -21.48 -8.85
CA PHE B 64 19.58 -20.42 -9.67
C PHE B 64 20.59 -19.35 -10.10
N PHE B 65 21.80 -19.39 -9.53
CA PHE B 65 22.83 -18.39 -9.84
C PHE B 65 23.03 -18.15 -11.33
N GLY B 66 23.17 -19.24 -12.09
CA GLY B 66 23.40 -19.11 -13.52
C GLY B 66 22.28 -18.37 -14.24
N GLY B 67 21.05 -18.74 -13.94
CA GLY B 67 19.90 -18.13 -14.58
C GLY B 67 19.73 -16.68 -14.16
N LEU B 68 20.17 -16.40 -12.95
CA LEU B 68 20.09 -15.07 -12.38
C LEU B 68 21.04 -14.13 -13.08
N VAL B 69 22.30 -14.57 -13.20
CA VAL B 69 23.31 -13.77 -13.86
C VAL B 69 22.99 -13.52 -15.33
N SER B 70 22.49 -14.54 -16.02
CA SER B 70 22.16 -14.35 -17.42
C SER B 70 20.99 -13.36 -17.52
N PHE B 71 20.05 -13.44 -16.58
CA PHE B 71 18.91 -12.54 -16.64
C PHE B 71 19.32 -11.08 -16.39
N ILE B 72 20.08 -10.84 -15.33
CA ILE B 72 20.55 -9.50 -15.00
C ILE B 72 21.31 -8.89 -16.16
N THR B 73 21.97 -9.73 -16.93
CA THR B 73 22.72 -9.21 -18.06
C THR B 73 21.91 -9.23 -19.36
N SER B 74 20.65 -9.66 -19.29
CA SER B 74 19.83 -9.75 -20.50
C SER B 74 19.30 -8.44 -21.09
N GLY B 75 19.40 -7.34 -20.34
CA GLY B 75 18.90 -6.06 -20.85
C GLY B 75 19.28 -4.91 -19.91
N PRO B 76 18.83 -3.67 -20.19
CA PRO B 76 19.21 -2.58 -19.28
C PRO B 76 18.67 -2.72 -17.87
N VAL B 77 19.45 -2.17 -16.95
CA VAL B 77 19.15 -2.13 -15.53
C VAL B 77 19.32 -0.67 -15.12
N VAL B 78 18.52 -0.19 -14.18
CA VAL B 78 18.75 1.17 -13.73
C VAL B 78 19.23 0.98 -12.30
N ALA B 79 20.50 1.33 -12.11
CA ALA B 79 21.18 1.20 -10.85
C ALA B 79 21.04 2.53 -10.11
N MET B 80 20.78 2.44 -8.80
CA MET B 80 20.59 3.64 -8.01
C MET B 80 21.19 3.52 -6.60
N VAL B 81 21.50 4.66 -6.02
CA VAL B 81 21.96 4.65 -4.64
C VAL B 81 21.11 5.70 -3.94
N PHE B 82 20.48 5.31 -2.83
CA PHE B 82 19.63 6.22 -2.07
C PHE B 82 20.23 6.34 -0.68
N GLU B 83 20.17 7.55 -0.14
CA GLU B 83 20.73 7.84 1.17
C GLU B 83 19.67 8.31 2.19
N GLY B 84 19.84 7.86 3.42
CA GLY B 84 18.93 8.30 4.46
C GLY B 84 19.01 7.38 5.65
N LYS B 85 18.42 7.84 6.75
CA LYS B 85 18.36 7.06 7.97
C LYS B 85 17.73 5.68 7.76
N GLY B 86 18.49 4.64 8.09
CA GLY B 86 17.99 3.28 7.96
C GLY B 86 17.48 2.91 6.57
N VAL B 87 18.06 3.51 5.53
CA VAL B 87 17.58 3.25 4.16
C VAL B 87 17.78 1.79 3.70
N VAL B 88 18.83 1.10 4.17
CA VAL B 88 19.01 -0.28 3.74
C VAL B 88 17.81 -1.15 4.12
N ALA B 89 17.47 -1.22 5.41
CA ALA B 89 16.34 -2.06 5.84
C ALA B 89 15.00 -1.51 5.36
N SER B 90 14.87 -0.18 5.34
CA SER B 90 13.62 0.44 4.90
C SER B 90 13.36 0.14 3.43
N ALA B 91 14.40 0.25 2.62
CA ALA B 91 14.26 -0.01 1.18
C ALA B 91 13.87 -1.47 0.93
N ARG B 92 14.32 -2.39 1.80
CA ARG B 92 13.93 -3.79 1.61
C ARG B 92 12.47 -3.96 2.00
N LEU B 93 12.04 -3.29 3.06
CA LEU B 93 10.66 -3.38 3.50
C LEU B 93 9.77 -2.87 2.34
N MET B 94 10.24 -1.81 1.69
CA MET B 94 9.49 -1.22 0.57
C MET B 94 9.48 -2.13 -0.67
N ILE B 95 10.47 -3.00 -0.76
CA ILE B 95 10.55 -3.93 -1.89
C ILE B 95 9.62 -5.12 -1.67
N GLY B 96 9.62 -5.65 -0.44
CA GLY B 96 8.80 -6.82 -0.13
C GLY B 96 9.69 -7.98 0.30
N VAL B 97 9.42 -9.19 -0.19
CA VAL B 97 10.23 -10.37 0.15
C VAL B 97 10.65 -10.99 -1.18
N THR B 98 11.50 -12.00 -1.16
CA THR B 98 11.97 -12.59 -2.41
C THR B 98 10.89 -12.97 -3.40
N ASN B 99 9.83 -13.63 -2.93
CA ASN B 99 8.75 -14.01 -3.82
C ASN B 99 7.72 -12.89 -3.86
N PRO B 100 7.53 -12.27 -5.04
CA PRO B 100 6.53 -11.19 -5.17
C PRO B 100 5.13 -11.63 -4.75
N LEU B 101 4.81 -12.90 -4.98
CA LEU B 101 3.49 -13.41 -4.59
C LEU B 101 3.29 -13.37 -3.05
N ALA B 102 4.37 -13.42 -2.28
CA ALA B 102 4.28 -13.36 -0.82
C ALA B 102 4.51 -11.95 -0.31
N SER B 103 4.77 -11.03 -1.22
CA SER B 103 5.02 -9.64 -0.84
C SER B 103 3.71 -8.93 -0.68
N ALA B 104 3.63 -8.14 0.40
CA ALA B 104 2.44 -7.44 0.76
C ALA B 104 2.02 -6.32 -0.17
N PRO B 105 0.70 -6.16 -0.39
CA PRO B 105 0.20 -5.09 -1.26
C PRO B 105 0.83 -3.86 -0.60
N GLY B 106 1.25 -2.90 -1.40
CA GLY B 106 1.90 -1.74 -0.84
C GLY B 106 3.37 -1.78 -1.13
N SER B 107 3.98 -2.98 -1.17
CA SER B 107 5.40 -3.09 -1.49
C SER B 107 5.59 -3.15 -3.02
N ILE B 108 6.80 -2.89 -3.47
CA ILE B 108 7.04 -2.90 -4.92
C ILE B 108 6.73 -4.26 -5.53
N ARG B 109 7.38 -5.32 -5.02
CA ARG B 109 7.10 -6.66 -5.57
C ARG B 109 5.66 -7.08 -5.32
N GLY B 110 5.09 -6.66 -4.19
CA GLY B 110 3.72 -7.02 -3.88
C GLY B 110 2.73 -6.38 -4.84
N ASP B 111 3.05 -5.19 -5.31
CA ASP B 111 2.14 -4.52 -6.22
C ASP B 111 2.35 -4.87 -7.70
N PHE B 112 3.58 -5.24 -8.04
CA PHE B 112 3.91 -5.45 -9.45
C PHE B 112 4.39 -6.80 -9.95
N GLY B 113 4.76 -7.72 -9.06
CA GLY B 113 5.30 -8.95 -9.56
C GLY B 113 4.61 -10.26 -9.19
N VAL B 114 4.94 -11.30 -9.92
CA VAL B 114 4.32 -12.60 -9.70
C VAL B 114 5.31 -13.76 -9.78
N ASP B 115 6.59 -13.49 -9.98
CA ASP B 115 7.57 -14.56 -10.14
C ASP B 115 8.90 -14.25 -9.45
N VAL B 116 9.42 -15.18 -8.66
CA VAL B 116 10.71 -14.95 -8.00
C VAL B 116 11.85 -14.54 -8.97
N GLY B 117 11.86 -15.09 -10.19
CA GLY B 117 12.90 -14.76 -11.15
C GLY B 117 12.67 -13.49 -11.93
N ARG B 118 11.52 -12.86 -11.72
CA ARG B 118 11.20 -11.60 -12.40
C ARG B 118 10.61 -10.79 -11.27
N ASN B 119 11.45 -10.49 -10.28
CA ASN B 119 10.95 -9.77 -9.14
C ASN B 119 11.27 -8.30 -9.10
N ILE B 120 11.40 -7.75 -10.31
CA ILE B 120 11.49 -6.32 -10.52
C ILE B 120 12.64 -5.45 -10.08
N ILE B 121 13.03 -5.59 -8.83
CA ILE B 121 14.05 -4.73 -8.26
C ILE B 121 14.90 -5.52 -7.28
N GLY B 122 16.12 -5.09 -7.07
CA GLY B 122 16.98 -5.76 -6.11
C GLY B 122 17.48 -4.69 -5.16
N GLY B 123 17.72 -5.03 -3.90
CA GLY B 123 18.22 -4.01 -2.99
C GLY B 123 19.20 -4.64 -2.02
N SER B 124 20.16 -3.86 -1.55
CA SER B 124 21.15 -4.38 -0.60
C SER B 124 20.45 -4.88 0.65
N ASP B 125 21.00 -5.93 1.27
CA ASP B 125 20.31 -6.48 2.43
C ASP B 125 20.95 -6.18 3.78
N SER B 126 22.04 -5.43 3.77
CA SER B 126 22.74 -5.03 5.00
C SER B 126 23.62 -3.83 4.64
N VAL B 127 24.07 -3.08 5.64
CA VAL B 127 24.93 -1.93 5.38
C VAL B 127 26.24 -2.37 4.74
N GLU B 128 26.74 -3.53 5.17
CA GLU B 128 27.99 -4.06 4.62
C GLU B 128 27.82 -4.36 3.13
N SER B 129 26.79 -5.12 2.79
CA SER B 129 26.50 -5.50 1.40
C SER B 129 26.29 -4.26 0.53
N ALA B 130 25.60 -3.27 1.08
CA ALA B 130 25.33 -2.03 0.38
C ALA B 130 26.61 -1.29 0.02
N ASN B 131 27.52 -1.13 0.98
CA ASN B 131 28.76 -0.42 0.70
C ASN B 131 29.53 -1.15 -0.39
N ARG B 132 29.51 -2.47 -0.31
CA ARG B 132 30.17 -3.30 -1.29
C ARG B 132 29.52 -3.14 -2.66
N GLU B 133 28.20 -3.29 -2.69
CA GLU B 133 27.48 -3.17 -3.96
C GLU B 133 27.62 -1.78 -4.56
N ILE B 134 27.53 -0.73 -3.74
CA ILE B 134 27.69 0.62 -4.27
C ILE B 134 29.05 0.79 -4.96
N ALA B 135 30.10 0.23 -4.35
CA ALA B 135 31.46 0.31 -4.89
C ALA B 135 31.58 -0.45 -6.21
N LEU B 136 30.80 -1.52 -6.35
CA LEU B 136 30.78 -2.32 -7.57
C LEU B 136 30.13 -1.61 -8.73
N TRP B 137 29.03 -0.92 -8.45
CA TRP B 137 28.30 -0.28 -9.54
C TRP B 137 28.59 1.19 -9.85
N PHE B 138 29.13 1.93 -8.89
CA PHE B 138 29.41 3.36 -9.07
C PHE B 138 30.82 3.79 -8.70
N LYS B 139 31.40 4.67 -9.52
CA LYS B 139 32.71 5.21 -9.21
C LYS B 139 32.35 6.36 -8.27
N PRO B 140 33.24 6.71 -7.34
CA PRO B 140 32.97 7.79 -6.39
C PRO B 140 32.44 9.04 -7.03
N GLU B 141 32.98 9.41 -8.19
CA GLU B 141 32.58 10.63 -8.88
C GLU B 141 31.13 10.63 -9.36
N GLU B 142 30.52 9.46 -9.40
CA GLU B 142 29.13 9.32 -9.83
C GLU B 142 28.14 9.43 -8.68
N LEU B 143 28.66 9.62 -7.47
CA LEU B 143 27.84 9.74 -6.26
C LEU B 143 27.92 11.13 -5.69
N LEU B 144 26.78 11.65 -5.29
CA LEU B 144 26.75 12.97 -4.69
C LEU B 144 27.61 12.95 -3.42
N THR B 145 28.25 14.07 -3.12
CA THR B 145 29.02 14.13 -1.89
C THR B 145 28.24 15.07 -0.98
N GLU B 146 27.63 16.09 -1.56
CA GLU B 146 26.85 17.04 -0.77
C GLU B 146 25.37 16.71 -0.62
N VAL B 147 25.01 16.32 0.60
CA VAL B 147 23.62 16.00 0.95
C VAL B 147 23.22 16.61 2.30
N LYS B 148 22.75 17.85 2.26
CA LYS B 148 22.27 18.60 3.43
C LYS B 148 20.91 17.97 3.74
N PRO B 149 20.76 17.36 4.93
CA PRO B 149 19.47 16.74 5.24
C PRO B 149 18.31 17.72 5.21
N ASN B 150 17.19 17.25 4.68
CA ASN B 150 16.01 18.08 4.58
C ASN B 150 15.48 18.29 6.01
N PRO B 151 15.29 19.55 6.40
CA PRO B 151 14.77 19.80 7.75
C PRO B 151 13.34 19.30 7.95
N ASN B 152 12.64 19.03 6.84
CA ASN B 152 11.26 18.51 6.95
C ASN B 152 11.29 17.00 7.11
N LEU B 153 12.41 16.37 6.79
CA LEU B 153 12.47 14.93 6.92
C LEU B 153 13.22 14.49 8.16
N TYR B 154 14.13 15.33 8.62
CA TYR B 154 14.96 14.98 9.77
C TYR B 154 14.97 15.98 10.91
N GLU B 155 14.96 15.49 12.13
CA GLU B 155 15.03 16.35 13.31
C GLU B 155 16.45 16.88 13.38
N VAL C 6 1.59 -23.46 -11.94
CA VAL C 6 1.51 -23.07 -13.37
C VAL C 6 1.02 -21.64 -13.49
N ASN C 7 1.48 -20.98 -14.52
CA ASN C 7 1.11 -19.61 -14.79
C ASN C 7 -0.30 -19.51 -15.38
N LYS C 8 -1.02 -20.63 -15.50
CA LYS C 8 -2.36 -20.56 -16.03
C LYS C 8 -3.48 -20.70 -14.99
N GLU C 9 -3.12 -20.63 -13.70
CA GLU C 9 -4.12 -20.68 -12.64
C GLU C 9 -5.07 -19.49 -12.84
N ARG C 10 -6.34 -19.66 -12.47
CA ARG C 10 -7.31 -18.60 -12.62
C ARG C 10 -8.10 -18.41 -11.33
N THR C 11 -8.68 -17.24 -11.19
CA THR C 11 -9.51 -16.96 -10.05
C THR C 11 -10.67 -16.09 -10.50
N PHE C 12 -11.76 -16.16 -9.74
CA PHE C 12 -12.94 -15.36 -10.01
C PHE C 12 -13.03 -14.21 -9.01
N LEU C 13 -13.24 -13.00 -9.53
CA LEU C 13 -13.37 -11.82 -8.67
C LEU C 13 -14.61 -11.07 -9.12
N ALA C 14 -15.35 -10.59 -8.15
CA ALA C 14 -16.55 -9.81 -8.45
C ALA C 14 -16.50 -8.49 -7.72
N VAL C 15 -16.61 -7.41 -8.48
CA VAL C 15 -16.66 -6.14 -7.82
C VAL C 15 -18.16 -6.08 -7.50
N LYS C 16 -18.47 -6.08 -6.20
CA LYS C 16 -19.84 -6.09 -5.74
C LYS C 16 -20.60 -4.82 -6.03
N PRO C 17 -21.93 -4.81 -5.79
CA PRO C 17 -22.69 -3.59 -6.09
C PRO C 17 -22.14 -2.34 -5.42
N ASP C 18 -21.60 -2.50 -4.22
CA ASP C 18 -21.06 -1.33 -3.54
C ASP C 18 -19.78 -0.86 -4.25
N GLY C 19 -18.92 -1.80 -4.65
CA GLY C 19 -17.71 -1.43 -5.37
C GLY C 19 -18.06 -0.75 -6.67
N VAL C 20 -19.10 -1.22 -7.36
CA VAL C 20 -19.48 -0.59 -8.62
C VAL C 20 -20.12 0.76 -8.37
N ALA C 21 -21.04 0.82 -7.42
CA ALA C 21 -21.74 2.07 -7.13
C ALA C 21 -20.76 3.20 -6.76
N ARG C 22 -19.71 2.82 -6.07
CA ARG C 22 -18.71 3.77 -5.61
C ARG C 22 -17.67 4.18 -6.64
N GLY C 23 -17.78 3.64 -7.84
CA GLY C 23 -16.83 3.96 -8.91
C GLY C 23 -15.44 3.39 -8.70
N LEU C 24 -15.37 2.14 -8.23
CA LEU C 24 -14.08 1.50 -7.97
C LEU C 24 -13.71 0.40 -8.96
N VAL C 25 -14.52 0.21 -9.99
CA VAL C 25 -14.21 -0.86 -10.92
C VAL C 25 -12.82 -0.73 -11.56
N GLY C 26 -12.55 0.44 -12.14
CA GLY C 26 -11.29 0.66 -12.80
C GLY C 26 -10.10 0.56 -11.87
N GLU C 27 -10.23 1.16 -10.69
CA GLU C 27 -9.17 1.10 -9.69
C GLU C 27 -8.82 -0.35 -9.38
N ILE C 28 -9.85 -1.18 -9.21
CA ILE C 28 -9.63 -2.57 -8.85
C ILE C 28 -9.01 -3.35 -9.99
N ILE C 29 -9.56 -3.21 -11.18
CA ILE C 29 -8.99 -3.91 -12.34
C ILE C 29 -7.54 -3.49 -12.49
N ALA C 30 -7.27 -2.20 -12.28
CA ALA C 30 -5.91 -1.68 -12.45
C ALA C 30 -4.94 -2.33 -11.51
N ARG C 31 -5.37 -2.60 -10.28
CA ARG C 31 -4.48 -3.24 -9.34
C ARG C 31 -4.04 -4.59 -9.82
N TYR C 32 -4.97 -5.37 -10.36
CA TYR C 32 -4.63 -6.69 -10.84
C TYR C 32 -3.80 -6.62 -12.14
N GLU C 33 -4.05 -5.63 -12.98
CA GLU C 33 -3.24 -5.51 -14.20
C GLU C 33 -1.80 -5.14 -13.84
N LYS C 34 -1.64 -4.20 -12.90
CA LYS C 34 -0.31 -3.77 -12.50
C LYS C 34 0.53 -4.92 -11.96
N LYS C 35 -0.16 -5.85 -11.29
CA LYS C 35 0.43 -7.03 -10.68
C LYS C 35 0.95 -7.99 -11.74
N GLY C 36 0.36 -7.90 -12.94
CA GLY C 36 0.80 -8.75 -14.03
C GLY C 36 -0.25 -9.77 -14.43
N PHE C 37 -1.33 -9.83 -13.68
CA PHE C 37 -2.37 -10.79 -13.99
C PHE C 37 -3.11 -10.43 -15.24
N VAL C 38 -3.57 -11.45 -15.96
CA VAL C 38 -4.26 -11.22 -17.22
C VAL C 38 -5.76 -11.46 -17.14
N LEU C 39 -6.54 -10.52 -17.60
CA LEU C 39 -7.99 -10.62 -17.59
C LEU C 39 -8.40 -11.65 -18.65
N VAL C 40 -9.09 -12.72 -18.24
CA VAL C 40 -9.54 -13.71 -19.22
C VAL C 40 -11.05 -13.76 -19.34
N GLY C 41 -11.72 -13.05 -18.44
CA GLY C 41 -13.16 -12.96 -18.49
C GLY C 41 -13.58 -11.63 -17.88
N LEU C 42 -14.61 -10.98 -18.42
CA LEU C 42 -15.06 -9.72 -17.86
C LEU C 42 -16.45 -9.34 -18.34
N LYS C 43 -17.33 -8.96 -17.41
CA LYS C 43 -18.64 -8.53 -17.83
C LYS C 43 -19.35 -7.90 -16.68
N GLN C 44 -20.28 -7.02 -16.98
CA GLN C 44 -21.08 -6.44 -15.92
C GLN C 44 -22.48 -7.07 -16.08
N LEU C 45 -23.14 -7.35 -14.98
CA LEU C 45 -24.49 -7.92 -15.04
C LEU C 45 -25.13 -7.67 -13.71
N VAL C 46 -26.43 -7.90 -13.62
CA VAL C 46 -27.10 -7.78 -12.34
C VAL C 46 -27.35 -9.24 -12.05
N PRO C 47 -26.69 -9.75 -11.00
CA PRO C 47 -26.82 -11.15 -10.62
C PRO C 47 -28.24 -11.52 -10.25
N THR C 48 -28.63 -12.73 -10.64
CA THR C 48 -29.94 -13.26 -10.34
C THR C 48 -29.82 -13.99 -9.01
N LYS C 49 -30.92 -14.13 -8.30
CA LYS C 49 -30.90 -14.84 -7.03
C LYS C 49 -30.26 -16.22 -7.19
N ASP C 50 -30.62 -16.90 -8.28
CA ASP C 50 -30.07 -18.21 -8.56
C ASP C 50 -28.54 -18.14 -8.56
N LEU C 51 -28.01 -17.21 -9.33
CA LEU C 51 -26.56 -17.04 -9.40
C LEU C 51 -25.93 -16.81 -8.02
N ALA C 52 -26.40 -15.79 -7.31
CA ALA C 52 -25.89 -15.44 -5.98
C ALA C 52 -25.96 -16.61 -5.02
N GLU C 53 -27.08 -17.32 -5.01
CA GLU C 53 -27.22 -18.45 -4.12
C GLU C 53 -26.17 -19.53 -4.38
N SER C 54 -25.92 -19.83 -5.65
CA SER C 54 -24.92 -20.84 -6.00
C SER C 54 -23.54 -20.30 -5.67
N HIS C 55 -23.33 -19.03 -6.01
CA HIS C 55 -22.03 -18.42 -5.76
C HIS C 55 -21.69 -18.57 -4.28
N TYR C 56 -22.62 -18.13 -3.44
CA TYR C 56 -22.43 -18.17 -2.00
C TYR C 56 -23.06 -19.40 -1.34
N ALA C 57 -23.10 -20.49 -2.08
CA ALA C 57 -23.70 -21.75 -1.61
C ALA C 57 -23.16 -22.22 -0.26
N GLU C 58 -21.87 -22.05 -0.04
CA GLU C 58 -21.23 -22.48 1.21
C GLU C 58 -21.75 -21.77 2.45
N HIS C 59 -22.50 -20.69 2.25
CA HIS C 59 -23.03 -19.93 3.37
C HIS C 59 -24.54 -20.01 3.47
N LYS C 60 -25.15 -20.94 2.74
CA LYS C 60 -26.61 -21.08 2.77
C LYS C 60 -27.13 -21.14 4.21
N GLU C 61 -26.34 -21.74 5.10
CA GLU C 61 -26.72 -21.86 6.51
C GLU C 61 -26.59 -20.55 7.26
N ARG C 62 -25.35 -20.10 7.38
CA ARG C 62 -25.02 -18.86 8.08
C ARG C 62 -26.17 -17.83 8.04
N PRO C 63 -26.41 -17.15 9.16
CA PRO C 63 -27.47 -16.15 9.28
C PRO C 63 -27.37 -14.96 8.32
N PHE C 64 -26.16 -14.68 7.85
CA PHE C 64 -25.96 -13.54 6.95
C PHE C 64 -26.21 -13.89 5.49
N PHE C 65 -26.45 -15.16 5.21
CA PHE C 65 -26.68 -15.63 3.85
C PHE C 65 -27.75 -14.83 3.11
N GLY C 66 -28.91 -14.70 3.74
CA GLY C 66 -30.01 -13.99 3.13
C GLY C 66 -29.67 -12.61 2.61
N GLY C 67 -29.29 -11.71 3.51
CA GLY C 67 -28.95 -10.35 3.11
C GLY C 67 -27.86 -10.26 2.07
N LEU C 68 -26.92 -11.19 2.11
CA LEU C 68 -25.82 -11.24 1.17
C LEU C 68 -26.37 -11.47 -0.24
N VAL C 69 -27.20 -12.50 -0.37
CA VAL C 69 -27.80 -12.82 -1.65
C VAL C 69 -28.56 -11.62 -2.16
N SER C 70 -29.36 -11.02 -1.28
CA SER C 70 -30.15 -9.86 -1.64
C SER C 70 -29.26 -8.67 -2.00
N PHE C 71 -28.10 -8.58 -1.36
CA PHE C 71 -27.23 -7.45 -1.65
C PHE C 71 -26.51 -7.58 -2.99
N ILE C 72 -25.97 -8.76 -3.27
CA ILE C 72 -25.26 -8.94 -4.53
C ILE C 72 -26.20 -8.84 -5.75
N THR C 73 -27.50 -9.07 -5.52
CA THR C 73 -28.49 -8.99 -6.60
C THR C 73 -29.16 -7.62 -6.68
N SER C 74 -28.80 -6.73 -5.76
CA SER C 74 -29.37 -5.38 -5.68
C SER C 74 -28.94 -4.43 -6.77
N GLY C 75 -27.84 -4.72 -7.45
CA GLY C 75 -27.41 -3.83 -8.49
C GLY C 75 -26.33 -4.44 -9.35
N PRO C 76 -25.81 -3.70 -10.33
CA PRO C 76 -24.77 -4.26 -11.18
C PRO C 76 -23.50 -4.68 -10.41
N VAL C 77 -22.87 -5.73 -10.93
CA VAL C 77 -21.66 -6.32 -10.38
C VAL C 77 -20.71 -6.51 -11.56
N VAL C 78 -19.40 -6.32 -11.37
CA VAL C 78 -18.51 -6.60 -12.49
C VAL C 78 -17.76 -7.88 -12.11
N ALA C 79 -18.07 -8.91 -12.87
CA ALA C 79 -17.52 -10.24 -12.71
C ALA C 79 -16.26 -10.31 -13.58
N MET C 80 -15.22 -10.89 -13.02
CA MET C 80 -13.96 -10.97 -13.74
C MET C 80 -13.25 -12.26 -13.47
N VAL C 81 -12.43 -12.66 -14.42
CA VAL C 81 -11.58 -13.82 -14.24
C VAL C 81 -10.16 -13.40 -14.62
N PHE C 82 -9.22 -13.64 -13.71
CA PHE C 82 -7.82 -13.29 -13.89
C PHE C 82 -6.95 -14.52 -13.84
N GLU C 83 -5.94 -14.52 -14.71
CA GLU C 83 -5.01 -15.62 -14.84
C GLU C 83 -3.55 -15.24 -14.56
N GLY C 84 -2.84 -16.14 -13.89
CA GLY C 84 -1.45 -15.89 -13.59
C GLY C 84 -1.01 -16.86 -12.51
N LYS C 85 0.29 -16.90 -12.28
CA LYS C 85 0.85 -17.79 -11.29
C LYS C 85 0.32 -17.40 -9.91
N GLY C 86 -0.24 -18.38 -9.21
CA GLY C 86 -0.75 -18.15 -7.86
C GLY C 86 -1.76 -17.05 -7.70
N VAL C 87 -2.54 -16.81 -8.74
CA VAL C 87 -3.50 -15.71 -8.74
C VAL C 87 -4.61 -15.87 -7.69
N VAL C 88 -4.95 -17.10 -7.33
CA VAL C 88 -6.00 -17.25 -6.35
C VAL C 88 -5.56 -16.69 -5.01
N ALA C 89 -4.42 -17.17 -4.50
CA ALA C 89 -3.95 -16.70 -3.20
C ALA C 89 -3.53 -15.24 -3.26
N SER C 90 -2.94 -14.87 -4.38
CA SER C 90 -2.47 -13.51 -4.51
C SER C 90 -3.61 -12.50 -4.48
N ALA C 91 -4.64 -12.75 -5.27
CA ALA C 91 -5.78 -11.85 -5.34
C ALA C 91 -6.44 -11.70 -3.98
N ARG C 92 -6.44 -12.77 -3.17
CA ARG C 92 -7.03 -12.66 -1.83
C ARG C 92 -6.13 -11.75 -0.99
N LEU C 93 -4.82 -11.95 -1.07
CA LEU C 93 -3.91 -11.10 -0.33
C LEU C 93 -4.13 -9.62 -0.75
N MET C 94 -4.35 -9.40 -2.04
CA MET C 94 -4.59 -8.06 -2.56
C MET C 94 -5.94 -7.47 -2.13
N ILE C 95 -6.89 -8.37 -1.84
CA ILE C 95 -8.19 -7.94 -1.39
C ILE C 95 -8.14 -7.54 0.10
N GLY C 96 -7.43 -8.34 0.90
CA GLY C 96 -7.37 -8.06 2.34
C GLY C 96 -8.01 -9.23 3.10
N VAL C 97 -8.74 -8.95 4.17
CA VAL C 97 -9.46 -9.97 4.93
C VAL C 97 -10.96 -9.59 4.90
N THR C 98 -11.81 -10.50 5.39
CA THR C 98 -13.26 -10.25 5.35
C THR C 98 -13.68 -8.88 5.88
N ASN C 99 -13.11 -8.53 7.03
CA ASN C 99 -13.42 -7.28 7.70
C ASN C 99 -12.50 -6.21 7.13
N PRO C 100 -13.04 -5.22 6.41
CA PRO C 100 -12.23 -4.13 5.83
C PRO C 100 -11.46 -3.30 6.87
N LEU C 101 -11.99 -3.22 8.09
CA LEU C 101 -11.31 -2.45 9.11
C LEU C 101 -10.04 -3.12 9.53
N ALA C 102 -10.00 -4.44 9.38
CA ALA C 102 -8.80 -5.18 9.77
C ALA C 102 -7.88 -5.42 8.59
N SER C 103 -8.30 -5.00 7.40
CA SER C 103 -7.49 -5.22 6.21
C SER C 103 -6.38 -4.18 6.16
N ALA C 104 -5.19 -4.63 5.79
CA ALA C 104 -4.03 -3.77 5.76
C ALA C 104 -4.05 -2.67 4.71
N PRO C 105 -3.52 -1.48 5.06
CA PRO C 105 -3.53 -0.45 4.02
C PRO C 105 -2.72 -1.07 2.86
N GLY C 106 -3.14 -0.78 1.63
CA GLY C 106 -2.49 -1.33 0.46
C GLY C 106 -3.40 -2.38 -0.17
N SER C 107 -4.24 -3.00 0.67
CA SER C 107 -5.17 -4.01 0.16
C SER C 107 -6.39 -3.24 -0.28
N ILE C 108 -7.24 -3.87 -1.10
CA ILE C 108 -8.42 -3.18 -1.60
C ILE C 108 -9.40 -2.86 -0.48
N ARG C 109 -9.72 -3.85 0.35
CA ARG C 109 -10.63 -3.59 1.46
C ARG C 109 -9.97 -2.67 2.47
N GLY C 110 -8.66 -2.83 2.70
CA GLY C 110 -7.98 -1.98 3.67
C GLY C 110 -8.01 -0.52 3.22
N ASP C 111 -7.92 -0.29 1.90
CA ASP C 111 -7.92 1.07 1.40
C ASP C 111 -9.28 1.69 1.19
N PHE C 112 -10.28 0.86 0.94
CA PHE C 112 -11.60 1.39 0.60
C PHE C 112 -12.84 1.07 1.39
N GLY C 113 -12.76 0.15 2.34
CA GLY C 113 -13.98 -0.20 3.07
C GLY C 113 -13.93 -0.16 4.58
N VAL C 114 -15.13 -0.18 5.18
CA VAL C 114 -15.28 -0.12 6.64
C VAL C 114 -16.24 -1.17 7.20
N ASP C 115 -17.13 -1.69 6.36
CA ASP C 115 -18.18 -2.64 6.77
C ASP C 115 -18.08 -4.03 6.13
N VAL C 116 -18.25 -5.08 6.92
CA VAL C 116 -18.16 -6.45 6.39
C VAL C 116 -19.15 -6.70 5.28
N GLY C 117 -20.33 -6.07 5.35
CA GLY C 117 -21.34 -6.28 4.34
C GLY C 117 -21.23 -5.40 3.13
N ARG C 118 -20.27 -4.49 3.19
CA ARG C 118 -20.04 -3.59 2.08
C ARG C 118 -18.54 -3.62 1.90
N ASN C 119 -18.05 -4.83 1.61
CA ASN C 119 -16.62 -5.03 1.45
C ASN C 119 -16.06 -5.07 0.04
N ILE C 120 -16.76 -4.38 -0.86
CA ILE C 120 -16.32 -4.08 -2.22
C ILE C 120 -16.11 -5.11 -3.30
N ILE C 121 -15.37 -6.14 -2.95
CA ILE C 121 -15.00 -7.16 -3.92
C ILE C 121 -15.00 -8.50 -3.24
N GLY C 122 -15.13 -9.56 -4.02
CA GLY C 122 -15.12 -10.92 -3.52
C GLY C 122 -14.21 -11.69 -4.46
N GLY C 123 -13.46 -12.64 -3.92
CA GLY C 123 -12.54 -13.40 -4.75
C GLY C 123 -12.55 -14.84 -4.27
N SER C 124 -12.31 -15.76 -5.19
CA SER C 124 -12.27 -17.18 -4.90
C SER C 124 -11.26 -17.47 -3.79
N ASP C 125 -11.62 -18.31 -2.83
CA ASP C 125 -10.70 -18.62 -1.75
C ASP C 125 -9.81 -19.84 -1.94
N SER C 126 -9.98 -20.55 -3.04
CA SER C 126 -9.15 -21.72 -3.34
C SER C 126 -9.25 -22.03 -4.83
N VAL C 127 -8.30 -22.77 -5.37
CA VAL C 127 -8.40 -23.10 -6.80
C VAL C 127 -9.72 -23.85 -7.04
N GLU C 128 -10.06 -24.75 -6.13
CA GLU C 128 -11.30 -25.53 -6.26
C GLU C 128 -12.50 -24.59 -6.41
N SER C 129 -12.63 -23.66 -5.47
CA SER C 129 -13.73 -22.70 -5.50
C SER C 129 -13.63 -21.78 -6.72
N ALA C 130 -12.42 -21.41 -7.08
CA ALA C 130 -12.23 -20.54 -8.26
C ALA C 130 -12.83 -21.25 -9.47
N ASN C 131 -12.43 -22.49 -9.68
CA ASN C 131 -12.93 -23.24 -10.83
C ASN C 131 -14.45 -23.35 -10.83
N ARG C 132 -15.03 -23.57 -9.67
CA ARG C 132 -16.47 -23.68 -9.55
C ARG C 132 -17.17 -22.36 -9.89
N GLU C 133 -16.69 -21.27 -9.29
CA GLU C 133 -17.29 -19.96 -9.54
C GLU C 133 -17.09 -19.48 -10.98
N ILE C 134 -15.93 -19.73 -11.55
CA ILE C 134 -15.70 -19.33 -12.94
C ILE C 134 -16.77 -20.00 -13.82
N ALA C 135 -16.92 -21.31 -13.65
CA ALA C 135 -17.90 -22.08 -14.40
C ALA C 135 -19.31 -21.54 -14.18
N LEU C 136 -19.56 -21.02 -12.98
CA LEU C 136 -20.86 -20.48 -12.64
C LEU C 136 -21.22 -19.16 -13.31
N TRP C 137 -20.28 -18.22 -13.28
CA TRP C 137 -20.49 -16.88 -13.83
C TRP C 137 -20.19 -16.71 -15.31
N PHE C 138 -19.30 -17.54 -15.84
CA PHE C 138 -18.93 -17.44 -17.25
C PHE C 138 -19.11 -18.68 -18.11
N LYS C 139 -19.60 -18.44 -19.33
CA LYS C 139 -19.74 -19.47 -20.35
C LYS C 139 -18.32 -19.66 -20.87
N PRO C 140 -17.94 -20.90 -21.24
CA PRO C 140 -16.60 -21.13 -21.75
C PRO C 140 -16.19 -20.21 -22.89
N GLU C 141 -17.12 -19.91 -23.81
CA GLU C 141 -16.77 -19.04 -24.92
C GLU C 141 -16.52 -17.59 -24.48
N GLU C 142 -16.82 -17.28 -23.22
CA GLU C 142 -16.60 -15.92 -22.71
C GLU C 142 -15.20 -15.76 -22.15
N LEU C 143 -14.49 -16.87 -21.99
CA LEU C 143 -13.14 -16.87 -21.44
C LEU C 143 -12.07 -17.03 -22.51
N LEU C 144 -11.02 -16.20 -22.43
CA LEU C 144 -9.94 -16.27 -23.41
C LEU C 144 -9.25 -17.62 -23.35
N THR C 145 -8.82 -18.07 -24.52
CA THR C 145 -8.10 -19.34 -24.66
C THR C 145 -6.68 -18.97 -25.05
N GLU C 146 -6.54 -17.82 -25.69
CA GLU C 146 -5.26 -17.31 -26.10
C GLU C 146 -4.83 -16.28 -25.07
N VAL C 147 -3.97 -16.67 -24.13
CA VAL C 147 -3.54 -15.76 -23.08
C VAL C 147 -2.13 -15.25 -23.28
N LYS C 148 -1.98 -13.92 -23.27
CA LYS C 148 -0.68 -13.31 -23.49
C LYS C 148 -0.11 -12.48 -22.36
N PRO C 149 0.54 -13.15 -21.41
CA PRO C 149 1.14 -12.44 -20.28
C PRO C 149 2.32 -11.60 -20.83
N ASN C 150 2.60 -10.47 -20.20
CA ASN C 150 3.73 -9.62 -20.64
C ASN C 150 4.95 -10.52 -20.47
N PRO C 151 5.79 -10.67 -21.53
CA PRO C 151 6.99 -11.54 -21.49
C PRO C 151 8.03 -11.21 -20.43
N ASN C 152 7.76 -10.21 -19.62
CA ASN C 152 8.72 -9.85 -18.62
C ASN C 152 8.26 -10.28 -17.25
N LEU C 153 7.10 -10.94 -17.17
CA LEU C 153 6.55 -11.37 -15.90
C LEU C 153 7.00 -12.74 -15.43
N TYR C 154 7.24 -13.63 -16.38
CA TYR C 154 7.61 -15.01 -16.05
C TYR C 154 8.93 -15.50 -16.57
N GLU C 155 9.56 -16.35 -15.77
CA GLU C 155 10.82 -16.99 -16.11
C GLU C 155 10.52 -17.99 -17.23
#